data_8FJE
#
_entry.id   8FJE
#
_cell.length_a   47.859
_cell.length_b   65.763
_cell.length_c   87.434
_cell.angle_alpha   90.000
_cell.angle_beta   90.000
_cell.angle_gamma   90.000
#
_symmetry.space_group_name_H-M   'P 2 21 21'
#
_entity_poly.entity_id   1
_entity_poly.type   'polypeptide(L)'
_entity_poly.pdbx_seq_one_letter_code
;SGSPTPLETLPLEELERRALKIYLRRHGSVPEEEIETMPLEELERKALQDYLRRYGTLPEEEIETMPLEELEREALKNYL
RRYGTLPEEEIDTMPLEELEREALKNYLRRYGSLPPEELEKLPLEELERKALIEYLRRYGPSGSG
;
_entity_poly.pdbx_strand_id   A,B
#
# COMPACT_ATOMS: atom_id res chain seq x y z
N PRO A 6 5.65 16.68 17.59
CA PRO A 6 6.15 15.34 17.96
C PRO A 6 5.78 14.27 16.93
N LEU A 7 4.65 13.59 17.17
CA LEU A 7 4.24 12.52 16.27
C LEU A 7 3.80 13.06 14.90
N GLU A 8 3.33 14.31 14.86
CA GLU A 8 2.88 14.89 13.60
C GLU A 8 4.03 15.23 12.67
N THR A 9 5.26 15.27 13.18
CA THR A 9 6.42 15.58 12.36
C THR A 9 6.96 14.37 11.61
N LEU A 10 6.63 13.17 12.06
CA LEU A 10 7.14 11.96 11.44
C LEU A 10 6.29 11.59 10.21
N PRO A 11 6.90 10.97 9.21
CA PRO A 11 6.15 10.60 8.00
C PRO A 11 5.25 9.40 8.24
N LEU A 12 4.37 9.16 7.25
CA LEU A 12 3.41 8.06 7.35
C LEU A 12 4.08 6.70 7.33
N GLU A 13 5.29 6.60 6.75
CA GLU A 13 6.01 5.32 6.77
C GLU A 13 6.53 5.00 8.17
N GLU A 14 6.96 6.02 8.91
CA GLU A 14 7.47 5.79 10.26
C GLU A 14 6.33 5.59 11.25
N LEU A 15 5.22 6.31 11.06
CA LEU A 15 4.04 6.11 11.91
C LEU A 15 3.61 4.64 11.89
N GLU A 16 3.47 4.08 10.69
CA GLU A 16 3.09 2.67 10.57
C GLU A 16 4.18 1.75 11.11
N ARG A 17 5.45 2.16 10.99
CA ARG A 17 6.54 1.35 11.54
C ARG A 17 6.46 1.29 13.06
N ARG A 18 6.16 2.42 13.70
CA ARG A 18 5.96 2.42 15.15
C ARG A 18 4.70 1.67 15.52
N ALA A 19 3.60 1.95 14.82
CA ALA A 19 2.31 1.32 15.16
C ALA A 19 2.40 -0.20 15.10
N LEU A 20 3.00 -0.73 14.02
CA LEU A 20 3.17 -2.17 13.92
C LEU A 20 4.17 -2.71 14.92
N LYS A 21 5.07 -1.86 15.44
CA LYS A 21 6.06 -2.31 16.42
C LYS A 21 5.44 -2.52 17.80
N ILE A 22 4.67 -1.53 18.27
CA ILE A 22 3.99 -1.68 19.56
C ILE A 22 2.99 -2.84 19.51
N TYR A 23 2.35 -3.04 18.36
CA TYR A 23 1.40 -4.14 18.25
C TYR A 23 2.08 -5.49 18.38
N LEU A 24 3.25 -5.65 17.76
CA LEU A 24 3.98 -6.91 17.88
C LEU A 24 4.48 -7.14 19.30
N ARG A 25 4.82 -6.07 20.01
CA ARG A 25 5.33 -6.21 21.37
C ARG A 25 4.25 -6.56 22.39
N ARG A 26 3.00 -6.23 22.10
CA ARG A 26 1.91 -6.54 23.02
C ARG A 26 1.19 -7.82 22.59
N HIS A 27 0.51 -7.76 21.45
CA HIS A 27 -0.17 -8.94 20.93
C HIS A 27 0.85 -9.93 20.36
N GLY A 28 0.65 -11.20 20.68
CA GLY A 28 1.48 -12.26 20.11
C GLY A 28 2.92 -12.21 20.58
N SER A 29 3.72 -13.12 20.03
CA SER A 29 5.11 -13.30 20.42
C SER A 29 6.01 -13.00 19.22
N VAL A 30 6.72 -11.88 19.29
CA VAL A 30 7.75 -11.55 18.31
C VAL A 30 8.99 -11.12 19.09
N PRO A 31 10.18 -11.64 18.77
CA PRO A 31 11.39 -11.22 19.49
C PRO A 31 11.59 -9.72 19.36
N GLU A 32 11.79 -9.06 20.50
CA GLU A 32 12.01 -7.62 20.52
C GLU A 32 13.45 -7.25 20.26
N GLU A 33 14.28 -8.20 19.84
CA GLU A 33 15.63 -7.92 19.38
C GLU A 33 15.67 -7.37 17.96
N GLU A 34 14.51 -7.02 17.40
CA GLU A 34 14.39 -6.39 16.09
C GLU A 34 13.51 -5.15 16.24
N ILE A 35 14.01 -4.16 16.98
CA ILE A 35 13.23 -2.95 17.22
C ILE A 35 12.93 -2.25 15.90
N GLU A 36 13.91 -2.18 15.00
CA GLU A 36 13.68 -1.59 13.68
C GLU A 36 14.41 -2.31 12.57
N THR A 37 14.97 -3.50 12.82
CA THR A 37 15.73 -4.19 11.78
C THR A 37 14.83 -4.89 10.76
N MET A 38 13.67 -5.37 11.19
CA MET A 38 12.75 -6.01 10.26
C MET A 38 12.18 -4.98 9.29
N PRO A 39 11.94 -5.38 8.04
CA PRO A 39 11.36 -4.46 7.07
C PRO A 39 9.88 -4.21 7.33
N LEU A 40 9.37 -3.15 6.71
CA LEU A 40 7.95 -2.82 6.87
C LEU A 40 7.06 -3.87 6.25
N GLU A 41 7.53 -4.55 5.20
CA GLU A 41 6.75 -5.63 4.61
C GLU A 41 6.60 -6.80 5.57
N GLU A 42 7.64 -7.08 6.36
CA GLU A 42 7.55 -8.15 7.35
C GLU A 42 6.70 -7.74 8.53
N LEU A 43 6.75 -6.47 8.93
CA LEU A 43 5.92 -5.99 10.03
C LEU A 43 4.44 -6.15 9.71
N GLU A 44 4.04 -5.77 8.48
CA GLU A 44 2.63 -5.88 8.10
C GLU A 44 2.18 -7.32 8.06
N ARG A 45 3.04 -8.22 7.57
CA ARG A 45 2.64 -9.61 7.37
C ARG A 45 2.39 -10.31 8.71
N LYS A 46 3.43 -10.41 9.55
CA LYS A 46 3.29 -11.17 10.79
C LYS A 46 2.24 -10.57 11.71
N ALA A 47 2.06 -9.25 11.69
CA ALA A 47 1.03 -8.62 12.49
C ALA A 47 -0.37 -8.90 11.96
N LEU A 48 -0.50 -9.22 10.66
CA LEU A 48 -1.80 -9.54 10.12
C LEU A 48 -2.19 -10.99 10.43
N GLN A 49 -1.24 -11.91 10.33
CA GLN A 49 -1.52 -13.30 10.69
C GLN A 49 -1.88 -13.44 12.16
N ASP A 50 -1.29 -12.62 13.02
CA ASP A 50 -1.65 -12.63 14.43
C ASP A 50 -3.09 -12.19 14.63
N TYR A 51 -3.49 -11.11 13.97
CA TYR A 51 -4.88 -10.64 14.08
C TYR A 51 -5.84 -11.66 13.47
N LEU A 52 -5.46 -12.26 12.34
CA LEU A 52 -6.29 -13.28 11.72
C LEU A 52 -6.38 -14.56 12.55
N ARG A 53 -5.51 -14.71 13.55
CA ARG A 53 -5.52 -15.88 14.41
C ARG A 53 -6.26 -15.63 15.72
N ARG A 54 -5.96 -14.53 16.41
CA ARG A 54 -6.60 -14.27 17.70
C ARG A 54 -8.03 -13.79 17.54
N TYR A 55 -8.32 -13.02 16.49
CA TYR A 55 -9.62 -12.40 16.31
C TYR A 55 -10.45 -13.10 15.24
N GLY A 56 -10.03 -14.27 14.77
CA GLY A 56 -10.76 -14.96 13.72
C GLY A 56 -10.54 -16.46 13.81
N THR A 57 -11.21 -17.17 12.91
CA THR A 57 -11.13 -18.63 12.82
C THR A 57 -10.68 -19.02 11.42
N LEU A 58 -9.43 -18.66 11.09
CA LEU A 58 -8.83 -19.00 9.80
C LEU A 58 -7.82 -20.13 9.95
N PRO A 59 -7.61 -20.93 8.91
CA PRO A 59 -6.67 -22.06 9.03
C PRO A 59 -5.24 -21.59 9.26
N GLU A 60 -4.52 -22.34 10.10
CA GLU A 60 -3.13 -21.99 10.40
C GLU A 60 -2.24 -22.17 9.18
N GLU A 61 -2.30 -23.33 8.55
CA GLU A 61 -1.45 -23.64 7.39
C GLU A 61 -1.89 -22.89 6.13
N GLU A 62 -2.87 -21.99 6.23
CA GLU A 62 -3.32 -21.19 5.10
C GLU A 62 -2.86 -19.75 5.17
N ILE A 63 -2.89 -19.14 6.37
CA ILE A 63 -2.46 -17.75 6.47
C ILE A 63 -0.94 -17.62 6.33
N GLU A 64 -0.19 -18.63 6.79
CA GLU A 64 1.26 -18.58 6.69
C GLU A 64 1.74 -18.58 5.24
N THR A 65 0.91 -19.06 4.31
CA THR A 65 1.19 -18.97 2.89
C THR A 65 0.30 -17.95 2.19
N MET A 66 -0.52 -17.22 2.93
CA MET A 66 -1.42 -16.25 2.32
C MET A 66 -0.64 -15.02 1.85
N PRO A 67 -0.98 -14.47 0.69
CA PRO A 67 -0.34 -13.22 0.25
C PRO A 67 -0.80 -12.04 1.10
N LEU A 68 -0.08 -10.93 0.94
CA LEU A 68 -0.36 -9.75 1.75
C LEU A 68 -1.67 -9.09 1.34
N GLU A 69 -1.98 -9.07 0.04
CA GLU A 69 -3.21 -8.44 -0.42
C GLU A 69 -4.46 -9.20 0.00
N GLU A 70 -4.32 -10.46 0.44
CA GLU A 70 -5.44 -11.23 0.95
C GLU A 70 -5.43 -11.40 2.46
N LEU A 71 -4.25 -11.35 3.08
CA LEU A 71 -4.20 -11.26 4.54
C LEU A 71 -4.89 -9.99 5.02
N GLU A 72 -4.57 -8.85 4.38
CA GLU A 72 -5.21 -7.59 4.75
C GLU A 72 -6.69 -7.59 4.41
N ARG A 73 -7.06 -8.22 3.29
CA ARG A 73 -8.47 -8.30 2.90
C ARG A 73 -9.29 -8.98 3.99
N GLU A 74 -8.81 -10.13 4.49
CA GLU A 74 -9.56 -10.86 5.50
C GLU A 74 -9.54 -10.12 6.84
N ALA A 75 -8.44 -9.45 7.16
CA ALA A 75 -8.37 -8.70 8.41
C ALA A 75 -9.41 -7.59 8.45
N LEU A 76 -9.63 -6.92 7.32
CA LEU A 76 -10.67 -5.89 7.25
C LEU A 76 -12.06 -6.52 7.22
N LYS A 77 -12.21 -7.65 6.53
CA LYS A 77 -13.48 -8.37 6.57
C LYS A 77 -13.81 -8.79 8.00
N ASN A 78 -12.80 -9.21 8.75
CA ASN A 78 -13.04 -9.60 10.15
C ASN A 78 -13.27 -8.38 11.03
N TYR A 79 -12.45 -7.33 10.86
CA TYR A 79 -12.59 -6.14 11.69
C TYR A 79 -13.93 -5.44 11.44
N LEU A 80 -14.40 -5.45 10.20
CA LEU A 80 -15.68 -4.83 9.90
C LEU A 80 -16.85 -5.60 10.48
N ARG A 81 -16.68 -6.92 10.67
CA ARG A 81 -17.78 -7.73 11.20
C ARG A 81 -18.05 -7.39 12.66
N ARG A 82 -17.04 -7.57 13.52
CA ARG A 82 -17.23 -7.46 14.96
C ARG A 82 -17.27 -6.02 15.46
N TYR A 83 -17.03 -5.03 14.60
CA TYR A 83 -17.04 -3.64 15.01
C TYR A 83 -17.79 -2.72 14.04
N GLY A 84 -18.52 -3.29 13.07
CA GLY A 84 -19.18 -2.51 12.05
C GLY A 84 -20.69 -2.63 12.13
N THR A 85 -21.35 -1.76 11.35
CA THR A 85 -22.80 -1.72 11.25
C THR A 85 -23.32 -2.15 9.90
N LEU A 86 -22.55 -1.93 8.83
CA LEU A 86 -22.99 -2.34 7.50
C LEU A 86 -23.18 -3.86 7.45
N PRO A 87 -24.12 -4.35 6.65
CA PRO A 87 -24.41 -5.78 6.62
C PRO A 87 -23.23 -6.59 6.11
N GLU A 88 -23.31 -7.91 6.34
CA GLU A 88 -22.23 -8.81 5.96
C GLU A 88 -22.13 -8.97 4.45
N GLU A 89 -23.26 -8.94 3.74
CA GLU A 89 -23.25 -9.11 2.29
C GLU A 89 -22.36 -8.08 1.62
N GLU A 90 -22.28 -6.87 2.16
CA GLU A 90 -21.44 -5.84 1.57
C GLU A 90 -19.96 -6.16 1.72
N ILE A 91 -19.58 -6.82 2.82
CA ILE A 91 -18.16 -7.01 3.14
C ILE A 91 -17.47 -7.78 2.04
N ASP A 92 -18.12 -8.81 1.49
CA ASP A 92 -17.48 -9.60 0.44
C ASP A 92 -17.42 -8.84 -0.88
N THR A 93 -18.34 -7.92 -1.11
CA THR A 93 -18.39 -7.17 -2.37
C THR A 93 -17.61 -5.87 -2.32
N MET A 94 -17.46 -5.27 -1.14
CA MET A 94 -16.70 -4.03 -1.03
C MET A 94 -15.24 -4.28 -1.42
N PRO A 95 -14.66 -3.43 -2.27
CA PRO A 95 -13.26 -3.63 -2.66
C PRO A 95 -12.31 -3.39 -1.49
N LEU A 96 -11.04 -3.73 -1.73
CA LEU A 96 -10.03 -3.60 -0.69
C LEU A 96 -9.81 -2.15 -0.31
N GLU A 97 -9.83 -1.25 -1.29
CA GLU A 97 -9.64 0.17 -1.00
C GLU A 97 -10.80 0.74 -0.20
N GLU A 98 -12.01 0.19 -0.39
CA GLU A 98 -13.14 0.62 0.42
C GLU A 98 -13.20 -0.10 1.76
N LEU A 99 -12.62 -1.31 1.84
CA LEU A 99 -12.50 -1.98 3.14
C LEU A 99 -11.59 -1.21 4.08
N GLU A 100 -10.51 -0.62 3.54
CA GLU A 100 -9.61 0.17 4.37
C GLU A 100 -10.27 1.46 4.85
N ARG A 101 -11.09 2.07 3.99
CA ARG A 101 -11.70 3.35 4.35
C ARG A 101 -12.70 3.19 5.47
N GLU A 102 -13.64 2.24 5.34
CA GLU A 102 -14.64 2.04 6.37
C GLU A 102 -14.06 1.44 7.64
N ALA A 103 -12.93 0.74 7.53
CA ALA A 103 -12.25 0.25 8.74
C ALA A 103 -11.57 1.39 9.47
N LEU A 104 -10.98 2.33 8.74
CA LEU A 104 -10.29 3.44 9.38
C LEU A 104 -11.28 4.41 10.02
N LYS A 105 -12.41 4.66 9.35
CA LYS A 105 -13.44 5.50 9.95
C LYS A 105 -14.02 4.85 11.21
N ASN A 106 -14.27 3.54 11.16
CA ASN A 106 -14.81 2.84 12.32
C ASN A 106 -13.87 2.95 13.51
N TYR A 107 -12.56 2.84 13.27
CA TYR A 107 -11.59 3.00 14.35
C TYR A 107 -11.57 4.44 14.86
N LEU A 108 -11.67 5.41 13.96
CA LEU A 108 -11.63 6.82 14.35
C LEU A 108 -12.91 7.28 15.03
N ARG A 109 -13.90 6.41 15.19
CA ARG A 109 -15.08 6.72 15.99
C ARG A 109 -14.92 6.23 17.43
N ARG A 110 -14.60 4.95 17.59
CA ARG A 110 -14.45 4.38 18.93
C ARG A 110 -13.38 5.10 19.74
N TYR A 111 -12.30 5.53 19.08
CA TYR A 111 -11.20 6.20 19.75
C TYR A 111 -10.85 7.48 19.00
N GLY A 112 -11.84 8.35 18.83
CA GLY A 112 -11.62 9.57 18.07
C GLY A 112 -12.34 10.80 18.59
N SER A 113 -11.63 11.92 18.63
CA SER A 113 -12.20 13.20 19.00
C SER A 113 -12.59 14.05 17.80
N LEU A 114 -12.35 13.56 16.58
CA LEU A 114 -12.78 14.27 15.39
C LEU A 114 -14.30 14.15 15.22
N PRO A 115 -14.95 15.18 14.69
CA PRO A 115 -16.37 15.06 14.36
C PRO A 115 -16.57 14.11 13.19
N PRO A 116 -17.63 13.31 13.21
CA PRO A 116 -17.86 12.36 12.11
C PRO A 116 -17.98 13.03 10.75
N GLU A 117 -18.54 14.24 10.69
CA GLU A 117 -18.65 14.95 9.41
C GLU A 117 -17.27 15.33 8.88
N GLU A 118 -16.29 15.53 9.77
CA GLU A 118 -14.93 15.75 9.31
C GLU A 118 -14.20 14.44 9.07
N LEU A 119 -14.59 13.37 9.76
CA LEU A 119 -14.01 12.05 9.48
C LEU A 119 -14.23 11.64 8.04
N GLU A 120 -15.38 12.01 7.47
CA GLU A 120 -15.63 11.72 6.06
C GLU A 120 -14.82 12.65 5.17
N LYS A 121 -14.71 13.93 5.57
CA LYS A 121 -13.98 14.91 4.76
C LYS A 121 -12.56 14.48 4.47
N LEU A 122 -11.93 13.75 5.39
CA LEU A 122 -10.56 13.31 5.17
C LEU A 122 -10.51 12.24 4.08
N PRO A 123 -9.51 12.28 3.21
CA PRO A 123 -9.30 11.20 2.24
C PRO A 123 -8.68 9.98 2.92
N LEU A 124 -8.52 8.92 2.14
CA LEU A 124 -8.00 7.67 2.69
C LEU A 124 -6.54 7.81 3.12
N GLU A 125 -5.76 8.67 2.45
CA GLU A 125 -4.37 8.85 2.84
C GLU A 125 -4.24 9.49 4.21
N GLU A 126 -5.19 10.35 4.58
CA GLU A 126 -5.14 11.05 5.86
C GLU A 126 -5.84 10.30 6.97
N LEU A 127 -6.88 9.51 6.64
CA LEU A 127 -7.52 8.68 7.66
C LEU A 127 -6.54 7.70 8.29
N GLU A 128 -5.56 7.24 7.50
CA GLU A 128 -4.55 6.32 8.04
C GLU A 128 -3.64 7.03 9.03
N ARG A 129 -3.26 8.28 8.73
CA ARG A 129 -2.38 9.02 9.63
C ARG A 129 -3.01 9.19 11.00
N LYS A 130 -4.28 9.63 11.03
CA LYS A 130 -4.95 9.82 12.31
C LYS A 130 -5.12 8.49 13.04
N ALA A 131 -5.51 7.45 12.31
CA ALA A 131 -5.67 6.13 12.94
C ALA A 131 -4.36 5.64 13.53
N LEU A 132 -3.25 5.82 12.79
CA LEU A 132 -1.95 5.44 13.32
C LEU A 132 -1.56 6.34 14.50
N ILE A 133 -1.83 7.64 14.40
CA ILE A 133 -1.46 8.55 15.47
C ILE A 133 -2.33 8.34 16.69
N GLU A 134 -3.64 8.19 16.50
CA GLU A 134 -4.52 7.88 17.62
C GLU A 134 -4.20 6.52 18.23
N TYR A 135 -3.60 5.61 17.45
CA TYR A 135 -3.19 4.33 18.00
C TYR A 135 -1.95 4.48 18.87
N LEU A 136 -0.98 5.29 18.43
CA LEU A 136 0.27 5.41 19.16
C LEU A 136 0.10 6.21 20.45
N ARG A 137 -0.81 7.18 20.47
CA ARG A 137 -1.06 7.92 21.70
C ARG A 137 -1.76 7.07 22.76
N ARG A 138 -2.32 5.93 22.36
CA ARG A 138 -3.00 5.04 23.31
C ARG A 138 -2.10 3.93 23.82
N TYR A 139 -1.17 3.45 23.00
CA TYR A 139 -0.33 2.32 23.37
C TYR A 139 1.15 2.64 23.37
N GLY A 140 1.54 3.88 23.11
CA GLY A 140 2.93 4.27 23.11
C GLY A 140 3.26 5.22 24.24
N PRO A 141 4.53 5.25 24.65
CA PRO A 141 5.00 6.12 25.74
C PRO A 141 4.99 7.60 25.36
N PRO B 6 -5.70 20.53 -12.79
CA PRO B 6 -6.91 19.93 -12.21
C PRO B 6 -6.61 18.72 -11.33
N LEU B 7 -5.38 18.20 -11.44
CA LEU B 7 -4.98 17.02 -10.67
C LEU B 7 -4.73 17.33 -9.20
N GLU B 8 -4.67 18.61 -8.82
CA GLU B 8 -4.45 18.95 -7.42
C GLU B 8 -5.62 18.50 -6.55
N THR B 9 -6.85 18.67 -7.06
CA THR B 9 -8.03 18.27 -6.30
C THR B 9 -8.12 16.76 -6.11
N LEU B 10 -7.37 15.99 -6.88
CA LEU B 10 -7.40 14.53 -6.76
C LEU B 10 -6.57 14.08 -5.57
N PRO B 11 -7.12 13.30 -4.64
CA PRO B 11 -6.30 12.74 -3.56
C PRO B 11 -5.42 11.60 -4.06
N LEU B 12 -4.66 10.98 -3.15
CA LEU B 12 -3.72 9.94 -3.56
C LEU B 12 -4.43 8.70 -4.08
N GLU B 13 -5.66 8.44 -3.62
CA GLU B 13 -6.38 7.27 -4.11
C GLU B 13 -6.91 7.49 -5.52
N GLU B 14 -7.18 8.73 -5.90
CA GLU B 14 -7.63 9.02 -7.25
C GLU B 14 -6.46 9.14 -8.23
N LEU B 15 -5.32 9.64 -7.76
CA LEU B 15 -4.15 9.76 -8.63
C LEU B 15 -3.65 8.38 -9.06
N GLU B 16 -3.63 7.43 -8.14
CA GLU B 16 -3.21 6.08 -8.48
C GLU B 16 -4.19 5.42 -9.45
N ARG B 17 -5.48 5.68 -9.29
CA ARG B 17 -6.48 5.11 -10.18
C ARG B 17 -6.32 5.65 -11.60
N ARG B 18 -6.23 6.98 -11.74
CA ARG B 18 -6.12 7.57 -13.07
C ARG B 18 -4.81 7.18 -13.75
N ALA B 19 -3.71 7.16 -12.98
CA ALA B 19 -2.42 6.79 -13.55
C ALA B 19 -2.41 5.35 -14.03
N LEU B 20 -3.03 4.45 -13.26
CA LEU B 20 -3.13 3.05 -13.69
C LEU B 20 -4.01 2.90 -14.91
N LYS B 21 -5.03 3.75 -15.03
CA LYS B 21 -5.91 3.69 -16.20
C LYS B 21 -5.16 4.09 -17.46
N ILE B 22 -4.55 5.28 -17.46
CA ILE B 22 -3.83 5.77 -18.63
C ILE B 22 -2.75 4.77 -19.06
N TYR B 23 -2.09 4.13 -18.09
CA TYR B 23 -1.11 3.12 -18.40
C TYR B 23 -1.75 1.91 -19.08
N LEU B 24 -2.86 1.44 -18.54
CA LEU B 24 -3.54 0.29 -19.12
C LEU B 24 -4.26 0.62 -20.42
N ARG B 25 -4.62 1.89 -20.62
CA ARG B 25 -5.17 2.31 -21.91
C ARG B 25 -4.08 2.47 -22.96
N ARG B 26 -2.83 2.61 -22.55
CA ARG B 26 -1.69 2.73 -23.45
C ARG B 26 -1.07 1.37 -23.77
N HIS B 27 -0.81 0.58 -22.73
CA HIS B 27 -0.27 -0.77 -22.90
C HIS B 27 -1.35 -1.78 -22.55
N GLY B 28 -1.44 -2.85 -23.35
CA GLY B 28 -2.45 -3.87 -23.14
C GLY B 28 -3.79 -3.52 -23.75
N SER B 29 -4.50 -4.53 -24.24
CA SER B 29 -5.78 -4.34 -24.91
C SER B 29 -6.90 -4.84 -23.99
N VAL B 30 -7.64 -3.91 -23.41
CA VAL B 30 -8.77 -4.22 -22.53
C VAL B 30 -9.88 -3.25 -22.89
N PRO B 31 -11.16 -3.66 -22.86
CA PRO B 31 -12.25 -2.72 -23.12
C PRO B 31 -12.11 -1.44 -22.30
N GLU B 32 -12.22 -0.31 -22.99
CA GLU B 32 -11.94 0.98 -22.36
C GLU B 32 -12.99 1.33 -21.31
N GLU B 33 -14.24 0.97 -21.55
CA GLU B 33 -15.29 1.22 -20.56
C GLU B 33 -15.28 0.22 -19.42
N GLU B 34 -14.66 -0.95 -19.62
CA GLU B 34 -14.54 -1.96 -18.58
C GLU B 34 -13.29 -1.77 -17.72
N ILE B 35 -12.47 -0.76 -18.01
CA ILE B 35 -11.31 -0.47 -17.17
C ILE B 35 -11.72 0.33 -15.95
N GLU B 36 -12.66 1.27 -16.12
CA GLU B 36 -13.05 2.16 -15.03
C GLU B 36 -13.71 1.40 -13.89
N THR B 37 -14.45 0.33 -14.20
CA THR B 37 -15.21 -0.42 -13.21
C THR B 37 -14.40 -1.47 -12.48
N MET B 38 -13.12 -1.62 -12.79
CA MET B 38 -12.30 -2.60 -12.08
C MET B 38 -11.83 -2.05 -10.74
N PRO B 39 -11.69 -2.92 -9.74
CA PRO B 39 -11.15 -2.47 -8.45
C PRO B 39 -9.67 -2.12 -8.57
N LEU B 40 -9.25 -1.17 -7.73
CA LEU B 40 -7.87 -0.69 -7.81
C LEU B 40 -6.87 -1.78 -7.47
N GLU B 41 -7.27 -2.75 -6.63
CA GLU B 41 -6.42 -3.91 -6.39
C GLU B 41 -6.13 -4.65 -7.68
N GLU B 42 -7.14 -4.78 -8.55
CA GLU B 42 -6.96 -5.50 -9.81
C GLU B 42 -6.30 -4.62 -10.87
N LEU B 43 -6.45 -3.30 -10.78
CA LEU B 43 -5.79 -2.42 -11.74
C LEU B 43 -4.27 -2.59 -11.69
N GLU B 44 -3.70 -2.62 -10.48
CA GLU B 44 -2.27 -2.81 -10.34
C GLU B 44 -1.84 -4.18 -10.86
N ARG B 45 -2.64 -5.22 -10.59
CA ARG B 45 -2.25 -6.56 -10.99
C ARG B 45 -2.19 -6.69 -12.51
N LYS B 46 -3.14 -6.10 -13.23
CA LYS B 46 -3.11 -6.16 -14.68
C LYS B 46 -2.19 -5.11 -15.30
N ALA B 47 -1.94 -4.00 -14.59
CA ALA B 47 -0.95 -3.04 -15.07
C ALA B 47 0.46 -3.60 -14.94
N LEU B 48 0.79 -4.14 -13.76
CA LEU B 48 2.11 -4.70 -13.55
C LEU B 48 2.29 -6.04 -14.27
N GLN B 49 1.19 -6.68 -14.66
CA GLN B 49 1.31 -7.84 -15.55
C GLN B 49 1.76 -7.40 -16.94
N ASP B 50 1.23 -6.28 -17.42
CA ASP B 50 1.68 -5.72 -18.69
C ASP B 50 3.15 -5.30 -18.61
N TYR B 51 3.57 -4.79 -17.45
CA TYR B 51 4.95 -4.36 -17.28
C TYR B 51 5.91 -5.55 -17.31
N LEU B 52 5.62 -6.58 -16.49
CA LEU B 52 6.50 -7.75 -16.44
C LEU B 52 6.51 -8.50 -17.76
N ARG B 53 5.40 -8.55 -18.46
CA ARG B 53 5.35 -9.28 -19.73
C ARG B 53 6.24 -8.67 -20.80
N ARG B 54 6.55 -7.38 -20.69
CA ARG B 54 7.35 -6.68 -21.68
C ARG B 54 8.82 -6.62 -21.33
N TYR B 55 9.15 -6.13 -20.13
CA TYR B 55 10.53 -5.85 -19.77
C TYR B 55 11.27 -7.06 -19.21
N GLY B 56 10.56 -8.12 -18.83
CA GLY B 56 11.20 -9.30 -18.30
C GLY B 56 10.38 -10.56 -18.50
N THR B 57 10.61 -11.25 -19.62
CA THR B 57 9.82 -12.43 -19.98
C THR B 57 10.04 -13.53 -18.95
N LEU B 58 9.13 -13.60 -17.97
CA LEU B 58 9.11 -14.65 -16.97
C LEU B 58 8.17 -15.76 -17.45
N PRO B 59 7.98 -16.84 -16.69
CA PRO B 59 6.91 -17.77 -17.01
C PRO B 59 5.58 -17.04 -17.18
N GLU B 60 4.88 -17.36 -18.28
CA GLU B 60 3.71 -16.58 -18.66
C GLU B 60 2.55 -16.78 -17.70
N GLU B 61 2.44 -17.96 -17.08
CA GLU B 61 1.32 -18.23 -16.17
C GLU B 61 1.66 -18.00 -14.71
N GLU B 62 2.93 -17.92 -14.35
CA GLU B 62 3.29 -17.45 -13.01
C GLU B 62 2.83 -16.02 -12.82
N ILE B 63 3.09 -15.16 -13.81
CA ILE B 63 2.71 -13.75 -13.74
C ILE B 63 1.20 -13.60 -13.55
N GLU B 64 0.43 -14.59 -14.02
CA GLU B 64 -1.01 -14.54 -13.82
C GLU B 64 -1.42 -14.98 -12.41
N THR B 65 -0.62 -15.81 -11.76
CA THR B 65 -0.98 -16.38 -10.47
C THR B 65 -0.12 -15.90 -9.30
N MET B 66 0.96 -15.18 -9.56
CA MET B 66 1.79 -14.67 -8.48
C MET B 66 1.00 -13.68 -7.63
N PRO B 67 1.35 -13.55 -6.35
CA PRO B 67 0.70 -12.54 -5.50
C PRO B 67 1.04 -11.13 -5.97
N LEU B 68 0.23 -10.18 -5.49
CA LEU B 68 0.44 -8.78 -5.87
C LEU B 68 1.74 -8.24 -5.30
N GLU B 69 2.21 -8.77 -4.17
CA GLU B 69 3.46 -8.30 -3.59
C GLU B 69 4.66 -8.80 -4.38
N GLU B 70 4.52 -9.93 -5.09
CA GLU B 70 5.61 -10.42 -5.92
C GLU B 70 5.62 -9.73 -7.28
N LEU B 71 4.45 -9.51 -7.86
CA LEU B 71 4.37 -8.77 -9.12
C LEU B 71 4.98 -7.38 -8.99
N GLU B 72 4.75 -6.73 -7.85
CA GLU B 72 5.31 -5.40 -7.64
C GLU B 72 6.80 -5.45 -7.41
N ARG B 73 7.27 -6.47 -6.69
CA ARG B 73 8.70 -6.56 -6.37
C ARG B 73 9.53 -6.73 -7.63
N GLU B 74 9.12 -7.63 -8.53
CA GLU B 74 9.86 -7.82 -9.76
C GLU B 74 9.74 -6.61 -10.70
N ALA B 75 8.59 -5.93 -10.67
CA ALA B 75 8.44 -4.73 -11.47
C ALA B 75 9.37 -3.62 -10.99
N LEU B 76 9.53 -3.50 -9.67
CA LEU B 76 10.48 -2.52 -9.13
C LEU B 76 11.91 -2.96 -9.40
N LYS B 77 12.18 -4.27 -9.32
CA LYS B 77 13.53 -4.76 -9.55
C LYS B 77 13.98 -4.48 -10.98
N ASN B 78 13.11 -4.75 -11.96
CA ASN B 78 13.44 -4.44 -13.34
C ASN B 78 13.67 -2.95 -13.53
N TYR B 79 12.89 -2.12 -12.85
CA TYR B 79 13.05 -0.67 -13.00
C TYR B 79 14.43 -0.22 -12.57
N LEU B 80 14.98 -0.82 -11.51
CA LEU B 80 16.30 -0.42 -11.03
C LEU B 80 17.42 -1.03 -11.86
N ARG B 81 17.17 -2.17 -12.52
CA ARG B 81 18.20 -2.78 -13.34
C ARG B 81 18.42 -2.00 -14.63
N ARG B 82 17.34 -1.52 -15.25
CA ARG B 82 17.47 -0.78 -16.50
C ARG B 82 17.72 0.70 -16.30
N TYR B 83 17.26 1.28 -15.20
CA TYR B 83 17.32 2.73 -14.99
C TYR B 83 18.17 3.12 -13.80
N GLY B 84 18.97 2.22 -13.27
CA GLY B 84 19.75 2.49 -12.08
C GLY B 84 21.08 1.79 -12.13
N THR B 85 22.11 2.48 -11.64
CA THR B 85 23.46 1.93 -11.57
C THR B 85 23.76 1.24 -10.25
N LEU B 86 22.85 1.29 -9.30
CA LEU B 86 23.07 0.59 -8.04
C LEU B 86 23.15 -0.92 -8.29
N PRO B 87 24.09 -1.61 -7.64
CA PRO B 87 24.38 -3.01 -8.02
C PRO B 87 23.17 -3.92 -7.93
N GLU B 88 23.19 -4.98 -8.73
CA GLU B 88 22.11 -5.95 -8.76
C GLU B 88 22.02 -6.73 -7.45
N GLU B 89 23.12 -6.86 -6.73
CA GLU B 89 23.18 -7.67 -5.52
C GLU B 89 22.12 -7.26 -4.50
N GLU B 90 22.26 -6.07 -3.91
CA GLU B 90 21.33 -5.67 -2.86
C GLU B 90 19.95 -5.32 -3.37
N ILE B 91 19.68 -5.44 -4.67
CA ILE B 91 18.32 -5.25 -5.16
C ILE B 91 17.41 -6.36 -4.63
N ASP B 92 17.93 -7.59 -4.57
CA ASP B 92 17.14 -8.70 -4.05
C ASP B 92 16.93 -8.59 -2.55
N THR B 93 17.93 -8.10 -1.82
CA THR B 93 17.84 -7.97 -0.38
C THR B 93 17.21 -6.65 0.08
N MET B 94 17.09 -5.68 -0.82
CA MET B 94 16.49 -4.40 -0.45
C MET B 94 15.02 -4.60 -0.11
N PRO B 95 14.53 -4.05 1.00
CA PRO B 95 13.13 -4.25 1.37
C PRO B 95 12.17 -3.58 0.39
N LEU B 96 10.93 -4.05 0.41
CA LEU B 96 9.90 -3.49 -0.47
C LEU B 96 9.70 -2.00 -0.19
N GLU B 97 9.81 -1.61 1.09
CA GLU B 97 9.68 -0.20 1.44
C GLU B 97 10.78 0.64 0.80
N GLU B 98 11.93 0.03 0.51
CA GLU B 98 13.06 0.75 -0.07
C GLU B 98 13.14 0.63 -1.58
N LEU B 99 12.73 -0.50 -2.16
CA LEU B 99 12.65 -0.61 -3.61
C LEU B 99 11.72 0.44 -4.19
N GLU B 100 10.58 0.67 -3.54
CA GLU B 100 9.67 1.72 -3.98
C GLU B 100 10.31 3.10 -3.85
N ARG B 101 11.01 3.35 -2.74
CA ARG B 101 11.62 4.66 -2.53
C ARG B 101 12.66 4.95 -3.60
N GLU B 102 13.54 3.99 -3.86
CA GLU B 102 14.59 4.20 -4.87
C GLU B 102 13.98 4.35 -6.26
N ALA B 103 12.95 3.56 -6.57
CA ALA B 103 12.32 3.64 -7.89
C ALA B 103 11.61 4.96 -8.11
N LEU B 104 11.19 5.64 -7.03
CA LEU B 104 10.55 6.95 -7.19
C LEU B 104 11.57 8.07 -7.30
N LYS B 105 12.65 8.01 -6.50
CA LYS B 105 13.73 8.96 -6.66
C LYS B 105 14.36 8.84 -8.05
N ASN B 106 14.52 7.62 -8.53
CA ASN B 106 15.00 7.42 -9.89
C ASN B 106 14.05 8.02 -10.92
N TYR B 107 12.75 7.94 -10.65
CA TYR B 107 11.76 8.48 -11.59
C TYR B 107 11.71 10.01 -11.52
N LEU B 108 11.74 10.57 -10.32
CA LEU B 108 11.61 12.03 -10.18
C LEU B 108 12.88 12.76 -10.60
N ARG B 109 14.02 12.07 -10.67
CA ARG B 109 15.23 12.72 -11.17
C ARG B 109 15.23 12.77 -12.70
N ARG B 110 14.76 11.72 -13.34
CA ARG B 110 14.72 11.66 -14.80
C ARG B 110 13.64 12.56 -15.36
N TYR B 111 12.37 12.17 -15.19
CA TYR B 111 11.24 12.90 -15.76
C TYR B 111 10.68 13.96 -14.81
N GLY B 112 11.51 14.49 -13.91
CA GLY B 112 11.02 15.48 -12.97
C GLY B 112 11.94 16.68 -12.81
N SER B 113 11.35 17.87 -12.70
CA SER B 113 12.11 19.10 -12.51
C SER B 113 12.36 19.41 -11.04
N LEU B 114 12.56 18.38 -10.21
CA LEU B 114 12.80 18.57 -8.79
C LEU B 114 14.25 18.25 -8.46
N PRO B 115 14.92 19.09 -7.68
CA PRO B 115 16.32 18.80 -7.34
C PRO B 115 16.41 17.56 -6.47
N PRO B 116 17.55 16.86 -6.52
CA PRO B 116 17.69 15.66 -5.69
C PRO B 116 17.76 15.96 -4.20
N GLU B 117 18.01 17.21 -3.82
CA GLU B 117 17.95 17.59 -2.41
C GLU B 117 16.56 17.36 -1.84
N GLU B 118 15.52 17.61 -2.66
CA GLU B 118 14.16 17.35 -2.24
C GLU B 118 13.85 15.86 -2.28
N LEU B 119 14.25 15.18 -3.36
CA LEU B 119 13.90 13.77 -3.55
C LEU B 119 14.55 12.87 -2.50
N GLU B 120 15.60 13.34 -1.82
CA GLU B 120 16.16 12.60 -0.71
C GLU B 120 15.51 12.95 0.62
N LYS B 121 14.90 14.13 0.73
CA LYS B 121 14.19 14.52 1.95
C LYS B 121 12.69 14.28 1.90
N LEU B 122 12.11 14.20 0.70
CA LEU B 122 10.68 13.94 0.61
C LEU B 122 10.36 12.55 1.13
N PRO B 123 9.29 12.40 1.92
CA PRO B 123 8.93 11.07 2.42
C PRO B 123 8.38 10.19 1.31
N LEU B 124 8.18 8.92 1.65
CA LEU B 124 7.66 7.97 0.66
C LEU B 124 6.24 8.31 0.26
N GLU B 125 5.42 8.76 1.21
CA GLU B 125 4.04 9.10 0.90
C GLU B 125 3.97 10.30 -0.06
N GLU B 126 4.85 11.29 0.12
CA GLU B 126 4.89 12.41 -0.80
C GLU B 126 5.65 12.07 -2.08
N LEU B 127 6.64 11.17 -2.00
CA LEU B 127 7.31 10.69 -3.21
C LEU B 127 6.32 10.02 -4.15
N GLU B 128 5.36 9.27 -3.59
CA GLU B 128 4.33 8.65 -4.41
C GLU B 128 3.42 9.70 -5.06
N ARG B 129 3.17 10.81 -4.36
CA ARG B 129 2.30 11.84 -4.90
C ARG B 129 2.90 12.50 -6.13
N LYS B 130 4.10 13.09 -5.98
CA LYS B 130 4.70 13.84 -7.08
C LYS B 130 4.94 12.95 -8.29
N ALA B 131 5.37 11.70 -8.07
CA ALA B 131 5.61 10.80 -9.18
C ALA B 131 4.32 10.45 -9.92
N LEU B 132 3.20 10.41 -9.21
CA LEU B 132 1.92 10.10 -9.86
C LEU B 132 1.35 11.32 -10.56
N ILE B 133 1.52 12.51 -9.98
CA ILE B 133 1.05 13.72 -10.65
C ILE B 133 1.90 14.02 -11.88
N GLU B 134 3.18 13.66 -11.84
CA GLU B 134 4.05 13.88 -13.00
C GLU B 134 3.67 12.95 -14.15
N TYR B 135 3.39 11.68 -13.85
CA TYR B 135 3.04 10.74 -14.91
C TYR B 135 1.76 11.14 -15.63
N LEU B 136 0.80 11.73 -14.90
CA LEU B 136 -0.46 12.12 -15.50
C LEU B 136 -0.32 13.38 -16.35
N ARG B 137 0.44 14.37 -15.87
CA ARG B 137 0.63 15.60 -16.64
C ARG B 137 1.46 15.38 -17.90
N ARG B 138 2.10 14.23 -18.06
CA ARG B 138 2.84 13.91 -19.26
C ARG B 138 2.11 12.96 -20.19
N TYR B 139 1.30 12.04 -19.65
CA TYR B 139 0.63 11.02 -20.45
C TYR B 139 -0.88 11.12 -20.41
N GLY B 140 -1.45 12.20 -19.88
CA GLY B 140 -2.88 12.31 -19.78
C GLY B 140 -3.39 13.70 -19.52
N PRO B 141 -4.73 13.86 -19.46
CA PRO B 141 -5.41 15.13 -19.19
C PRO B 141 -5.26 15.59 -17.75
#